data_4PRZ
#
_entry.id   4PRZ
#
_cell.length_a   62.145
_cell.length_b   62.145
_cell.length_c   129.383
_cell.angle_alpha   90.00
_cell.angle_beta   90.00
_cell.angle_gamma   120.00
#
_symmetry.space_group_name_H-M   'P 31 2 1'
#
loop_
_entity.id
_entity.type
_entity.pdbx_description
1 polymer Caspase-8
2 polymer '(ACE)LET(1U8) PEPTIDE'
3 non-polymer 'DITHIANE DIOL'
4 water water
#
loop_
_entity_poly.entity_id
_entity_poly.type
_entity_poly.pdbx_seq_one_letter_code
_entity_poly.pdbx_strand_id
1 'polypeptide(L)'
;MSESQTLDKVYQMKSKPRGYCLIINNHNFAKAREKVPKLHSIRDRNGTHLDAGALTTTFEELHFEIKPHDDCTVEQIYEI
LKIYQLMDHSNMDCFICCILSHGDKGIIYGTDGQEAPIYELTSQFTGLKCPSLAGKPKVFFIQACQGDNYQKGIPVETDS
EEQPYLEMDLSSPQTRYIPDEADFLLGMATVNNCVSYRNPAEGTWYIQSLCQSLRERCPRGDDILTILTEVNYEVSNKDD
KKNMGKQMPQPTFTLRKKLVFPSDAAALEHHHHHH
;
A
2 'polypeptide(L)' (ACE)LET(1U8) B
#
loop_
_chem_comp.id
_chem_comp.type
_chem_comp.name
_chem_comp.formula
ACE non-polymer 'ACETYL GROUP' 'C2 H4 O'
DTD non-polymer 'DITHIANE DIOL' 'C4 H8 O2 S2'
#
# COMPACT_ATOMS: atom_id res chain seq x y z
N ASP A 8 -4.40 -14.73 -22.20
CA ASP A 8 -4.49 -15.55 -21.00
C ASP A 8 -5.60 -15.05 -20.09
N LYS A 9 -5.69 -15.62 -18.88
CA LYS A 9 -6.74 -15.26 -17.93
C LYS A 9 -6.55 -13.85 -17.36
N VAL A 10 -7.65 -13.12 -17.28
CA VAL A 10 -7.66 -11.77 -16.73
C VAL A 10 -8.80 -11.71 -15.72
N TYR A 11 -8.55 -11.13 -14.54
CA TYR A 11 -9.61 -10.93 -13.57
C TYR A 11 -10.72 -10.07 -14.15
N GLN A 12 -11.97 -10.45 -13.89
CA GLN A 12 -13.11 -9.61 -14.25
C GLN A 12 -13.00 -8.24 -13.58
N MET A 13 -13.22 -7.19 -14.36
CA MET A 13 -13.05 -5.83 -13.85
C MET A 13 -13.99 -4.86 -14.57
N LYS A 14 -15.28 -5.09 -14.42
CA LYS A 14 -16.28 -4.36 -15.20
C LYS A 14 -17.34 -3.68 -14.35
N SER A 15 -17.28 -3.89 -13.02
CA SER A 15 -18.28 -3.29 -12.13
C SER A 15 -17.97 -1.82 -11.85
N LYS A 16 -19.03 -1.03 -11.69
CA LYS A 16 -18.90 0.40 -11.37
C LYS A 16 -19.70 0.72 -10.11
N PRO A 17 -19.02 0.97 -8.98
CA PRO A 17 -17.57 1.02 -8.82
C PRO A 17 -16.91 -0.36 -8.86
N ARG A 18 -15.60 -0.38 -9.09
CA ARG A 18 -14.84 -1.63 -9.11
C ARG A 18 -14.84 -2.29 -7.75
N GLY A 19 -14.82 -1.45 -6.72
CA GLY A 19 -14.76 -1.90 -5.34
C GLY A 19 -14.36 -0.74 -4.45
N TYR A 20 -14.12 -1.04 -3.17
CA TYR A 20 -13.67 0.00 -2.25
C TYR A 20 -12.16 0.14 -2.32
N CYS A 21 -11.69 1.37 -2.15
CA CYS A 21 -10.28 1.64 -1.97
C CYS A 21 -10.04 2.34 -0.63
N LEU A 22 -9.69 1.56 0.39
CA LEU A 22 -9.38 2.08 1.72
C LEU A 22 -8.06 2.85 1.75
N ILE A 23 -8.05 4.01 2.38
CA ILE A 23 -6.81 4.75 2.61
C ILE A 23 -6.62 5.05 4.09
N ILE A 24 -5.70 4.34 4.73
CA ILE A 24 -5.33 4.64 6.11
C ILE A 24 -4.19 5.64 6.08
N ASN A 25 -4.46 6.86 6.50
CA ASN A 25 -3.53 7.97 6.36
C ASN A 25 -3.06 8.50 7.72
N ASN A 26 -1.93 7.99 8.20
CA ASN A 26 -1.43 8.38 9.51
C ASN A 26 -0.44 9.54 9.42
N HIS A 27 -0.76 10.64 10.10
CA HIS A 27 0.10 11.81 10.09
C HIS A 27 0.61 12.17 11.48
N ASN A 28 -0.31 12.33 12.42
CA ASN A 28 0.00 12.79 13.77
C ASN A 28 0.40 11.67 14.73
N PHE A 29 1.67 11.65 15.11
CA PHE A 29 2.19 10.60 15.98
C PHE A 29 2.54 11.11 17.37
N ALA A 30 1.73 12.04 17.87
CA ALA A 30 1.90 12.58 19.22
C ALA A 30 1.69 11.51 20.28
N LYS A 31 0.68 10.66 20.07
CA LYS A 31 0.39 9.57 21.00
C LYS A 31 1.59 8.61 21.11
N ALA A 32 2.22 8.32 19.97
CA ALA A 32 3.41 7.48 19.96
C ALA A 32 4.54 8.14 20.75
N ARG A 33 4.79 9.42 20.48
CA ARG A 33 5.85 10.14 21.17
C ARG A 33 5.63 10.19 22.69
N GLU A 34 4.37 10.17 23.09
CA GLU A 34 4.01 10.33 24.50
C GLU A 34 4.02 9.00 25.25
N LYS A 35 3.54 7.95 24.61
CA LYS A 35 3.33 6.67 25.28
C LYS A 35 4.49 5.68 25.11
N VAL A 36 5.08 5.62 23.92
CA VAL A 36 6.12 4.65 23.64
C VAL A 36 7.52 5.28 23.71
N PRO A 37 8.32 4.89 24.73
CA PRO A 37 9.67 5.41 24.96
C PRO A 37 10.57 5.27 23.75
N LYS A 38 10.47 4.14 23.06
CA LYS A 38 11.26 3.86 21.87
C LYS A 38 11.05 4.91 20.77
N LEU A 39 9.83 5.42 20.68
CA LEU A 39 9.44 6.34 19.60
C LEU A 39 9.28 7.76 20.10
N HIS A 40 10.14 8.17 21.03
CA HIS A 40 10.04 9.48 21.67
C HIS A 40 10.20 10.63 20.68
N SER A 41 10.90 10.39 19.57
CA SER A 41 11.14 11.44 18.59
C SER A 41 10.69 11.04 17.19
N ILE A 42 9.75 10.11 17.12
CA ILE A 42 9.17 9.76 15.83
C ILE A 42 8.41 11.01 15.36
N ARG A 43 8.53 11.33 14.08
CA ARG A 43 8.01 12.60 13.59
C ARG A 43 6.63 12.49 12.95
N ASP A 44 5.88 13.58 12.97
CA ASP A 44 4.65 13.65 12.18
C ASP A 44 4.98 13.47 10.71
N ARG A 45 4.13 12.76 9.98
CA ARG A 45 4.42 12.41 8.60
C ARG A 45 3.97 13.50 7.63
N ASN A 46 4.57 14.68 7.75
CA ASN A 46 4.24 15.82 6.90
C ASN A 46 4.34 15.48 5.43
N GLY A 47 3.33 15.87 4.67
CA GLY A 47 3.26 15.60 3.24
C GLY A 47 2.49 14.32 2.88
N THR A 48 2.03 13.58 3.89
CA THR A 48 1.32 12.33 3.61
C THR A 48 -0.02 12.58 2.90
N HIS A 49 -0.59 13.77 3.07
CA HIS A 49 -1.83 14.11 2.39
C HIS A 49 -1.63 14.21 0.88
N LEU A 50 -0.38 14.39 0.46
CA LEU A 50 -0.09 14.42 -0.96
C LEU A 50 -0.21 13.01 -1.53
N ASP A 51 0.09 11.99 -0.73
CA ASP A 51 -0.13 10.60 -1.13
C ASP A 51 -1.60 10.23 -1.15
N ALA A 52 -2.31 10.57 -0.08
CA ALA A 52 -3.74 10.29 0.03
C ALA A 52 -4.50 10.91 -1.15
N GLY A 53 -4.14 12.15 -1.47
CA GLY A 53 -4.73 12.85 -2.60
C GLY A 53 -4.39 12.23 -3.94
N ALA A 54 -3.15 11.79 -4.11
CA ALA A 54 -2.74 11.15 -5.36
C ALA A 54 -3.41 9.79 -5.53
N LEU A 55 -3.51 9.05 -4.44
CA LEU A 55 -4.22 7.77 -4.45
C LEU A 55 -5.69 7.95 -4.79
N THR A 56 -6.32 8.94 -4.13
CA THR A 56 -7.70 9.32 -4.43
C THR A 56 -7.92 9.62 -5.90
N THR A 57 -7.16 10.56 -6.45
CA THR A 57 -7.29 10.94 -7.85
C THR A 57 -7.12 9.75 -8.78
N THR A 58 -6.10 8.95 -8.51
CA THR A 58 -5.74 7.84 -9.37
C THR A 58 -6.81 6.75 -9.39
N PHE A 59 -7.23 6.29 -8.22
CA PHE A 59 -8.15 5.16 -8.18
C PHE A 59 -9.60 5.60 -8.41
N GLU A 60 -9.90 6.87 -8.22
CA GLU A 60 -11.19 7.37 -8.67
C GLU A 60 -11.26 7.33 -10.21
N GLU A 61 -10.15 7.69 -10.85
CA GLU A 61 -10.05 7.58 -12.31
C GLU A 61 -10.23 6.15 -12.77
N LEU A 62 -9.84 5.21 -11.92
CA LEU A 62 -9.98 3.78 -12.21
C LEU A 62 -11.29 3.22 -11.66
N HIS A 63 -12.21 4.13 -11.31
CA HIS A 63 -13.59 3.82 -10.91
C HIS A 63 -13.72 3.06 -9.59
N PHE A 64 -12.84 3.34 -8.64
CA PHE A 64 -12.99 2.81 -7.29
C PHE A 64 -13.70 3.81 -6.40
N GLU A 65 -14.34 3.32 -5.33
CA GLU A 65 -14.90 4.24 -4.35
C GLU A 65 -13.91 4.39 -3.19
N ILE A 66 -13.42 5.62 -3.01
CA ILE A 66 -12.37 5.89 -2.04
C ILE A 66 -12.94 6.08 -0.63
N LYS A 67 -12.31 5.40 0.34
CA LYS A 67 -12.74 5.48 1.73
C LYS A 67 -11.56 5.87 2.60
N PRO A 68 -11.32 7.18 2.76
CA PRO A 68 -10.16 7.65 3.53
C PRO A 68 -10.40 7.64 5.04
N HIS A 69 -9.37 7.28 5.80
CA HIS A 69 -9.42 7.35 7.25
C HIS A 69 -8.13 7.95 7.76
N ASP A 70 -8.22 9.09 8.45
CA ASP A 70 -7.04 9.84 8.89
C ASP A 70 -6.68 9.57 10.35
N ASP A 71 -5.37 9.51 10.61
CA ASP A 71 -4.84 9.36 11.97
C ASP A 71 -5.49 8.21 12.74
N CYS A 72 -5.06 6.99 12.43
CA CYS A 72 -5.62 5.79 13.03
C CYS A 72 -4.63 5.08 13.94
N THR A 73 -5.08 4.75 15.15
CA THR A 73 -4.29 3.89 16.02
C THR A 73 -4.40 2.46 15.51
N VAL A 74 -3.67 1.55 16.12
CA VAL A 74 -3.69 0.16 15.67
C VAL A 74 -5.09 -0.44 15.84
N GLU A 75 -5.68 -0.26 17.01
CA GLU A 75 -7.03 -0.77 17.26
C GLU A 75 -8.05 -0.15 16.30
N GLN A 76 -7.84 1.12 15.95
CA GLN A 76 -8.74 1.81 15.03
C GLN A 76 -8.61 1.24 13.63
N ILE A 77 -7.40 0.87 13.23
CA ILE A 77 -7.16 0.22 11.95
C ILE A 77 -7.88 -1.14 11.90
N TYR A 78 -7.71 -1.94 12.96
CA TYR A 78 -8.37 -3.24 13.05
C TYR A 78 -9.88 -3.11 12.93
N GLU A 79 -10.45 -2.15 13.65
CA GLU A 79 -11.88 -1.88 13.57
C GLU A 79 -12.32 -1.57 12.14
N ILE A 80 -11.54 -0.76 11.45
CA ILE A 80 -11.85 -0.39 10.06
C ILE A 80 -11.80 -1.59 9.12
N LEU A 81 -10.76 -2.39 9.23
CA LEU A 81 -10.61 -3.57 8.39
C LEU A 81 -11.71 -4.58 8.68
N LYS A 82 -12.07 -4.73 9.95
CA LYS A 82 -13.11 -5.66 10.34
C LYS A 82 -14.45 -5.23 9.72
N ILE A 83 -14.67 -3.91 9.62
CA ILE A 83 -15.90 -3.41 9.00
C ILE A 83 -15.98 -3.82 7.53
N TYR A 84 -14.90 -3.59 6.78
CA TYR A 84 -14.92 -3.91 5.36
C TYR A 84 -14.83 -5.40 5.12
N GLN A 85 -14.32 -6.12 6.11
CA GLN A 85 -14.29 -7.59 6.09
C GLN A 85 -15.69 -8.17 6.14
N LEU A 86 -16.54 -7.54 6.96
CA LEU A 86 -17.90 -7.98 7.20
C LEU A 86 -18.88 -7.43 6.15
N MET A 87 -18.40 -6.51 5.33
CA MET A 87 -19.25 -5.92 4.29
C MET A 87 -19.47 -6.87 3.13
N ASP A 88 -20.47 -6.60 2.31
CA ASP A 88 -20.75 -7.41 1.14
C ASP A 88 -20.17 -6.80 -0.13
N HIS A 89 -19.18 -7.48 -0.71
CA HIS A 89 -18.51 -7.02 -1.92
C HIS A 89 -19.00 -7.74 -3.16
N SER A 90 -20.17 -8.37 -3.06
CA SER A 90 -20.70 -9.20 -4.15
C SER A 90 -20.76 -8.46 -5.48
N ASN A 91 -21.15 -7.19 -5.44
CA ASN A 91 -21.26 -6.38 -6.64
C ASN A 91 -19.95 -5.69 -6.99
N MET A 92 -18.88 -6.03 -6.27
CA MET A 92 -17.55 -5.48 -6.53
C MET A 92 -16.68 -6.51 -7.23
N ASP A 93 -15.69 -6.03 -7.98
CA ASP A 93 -14.77 -6.94 -8.67
C ASP A 93 -13.39 -6.94 -8.03
N CYS A 94 -13.20 -6.08 -7.04
CA CYS A 94 -11.87 -5.85 -6.52
C CYS A 94 -11.93 -5.15 -5.16
N PHE A 95 -10.86 -5.28 -4.39
CA PHE A 95 -10.70 -4.55 -3.14
C PHE A 95 -9.27 -4.03 -3.02
N ILE A 96 -9.14 -2.78 -2.61
CA ILE A 96 -7.83 -2.17 -2.42
C ILE A 96 -7.71 -1.55 -1.02
N CYS A 97 -6.55 -1.73 -0.38
CA CYS A 97 -6.27 -1.09 0.90
C CYS A 97 -4.89 -0.45 0.91
N CYS A 98 -4.86 0.87 1.08
CA CYS A 98 -3.61 1.64 1.13
C CYS A 98 -3.33 2.11 2.56
N ILE A 99 -2.15 1.75 3.07
CA ILE A 99 -1.74 2.18 4.40
C ILE A 99 -0.53 3.12 4.34
N LEU A 100 -0.66 4.32 4.91
CA LEU A 100 0.41 5.32 4.91
C LEU A 100 0.77 5.66 6.35
N SER A 101 1.93 5.20 6.80
CA SER A 101 2.29 5.32 8.20
C SER A 101 3.76 5.03 8.41
N HIS A 102 4.19 5.12 9.65
CA HIS A 102 5.51 4.66 10.03
C HIS A 102 5.46 3.15 10.15
N GLY A 103 6.63 2.52 10.09
CA GLY A 103 6.69 1.09 10.25
C GLY A 103 8.07 0.58 10.59
N ASP A 104 8.14 -0.72 10.80
CA ASP A 104 9.37 -1.44 11.09
C ASP A 104 9.23 -2.81 10.45
N LYS A 105 10.20 -3.69 10.66
CA LYS A 105 10.23 -4.99 9.99
C LYS A 105 8.96 -5.79 10.19
N GLY A 106 8.19 -5.94 9.13
CA GLY A 106 7.00 -6.77 9.14
C GLY A 106 5.75 -6.11 9.71
N ILE A 107 5.90 -4.88 10.20
CA ILE A 107 4.78 -4.20 10.85
C ILE A 107 4.57 -2.78 10.36
N ILE A 108 3.42 -2.22 10.70
CA ILE A 108 3.20 -0.79 10.58
C ILE A 108 2.78 -0.26 11.93
N TYR A 109 3.11 1.00 12.22
CA TYR A 109 2.74 1.65 13.46
C TYR A 109 1.39 2.36 13.34
N GLY A 110 0.57 2.25 14.37
CA GLY A 110 -0.58 3.10 14.50
C GLY A 110 -0.07 4.45 15.00
N THR A 111 -0.94 5.45 15.01
CA THR A 111 -0.55 6.78 15.50
C THR A 111 -0.21 6.76 16.99
N ASP A 112 -0.64 5.70 17.68
CA ASP A 112 -0.35 5.55 19.10
C ASP A 112 0.99 4.83 19.31
N GLY A 113 1.61 4.40 18.23
CA GLY A 113 2.93 3.79 18.30
C GLY A 113 2.87 2.30 18.59
N GLN A 114 1.67 1.74 18.63
CA GLN A 114 1.51 0.30 18.74
C GLN A 114 1.78 -0.32 17.37
N GLU A 115 2.03 -1.63 17.37
CA GLU A 115 2.43 -2.32 16.15
C GLU A 115 1.30 -3.20 15.59
N ALA A 116 1.09 -3.11 14.29
CA ALA A 116 0.16 -3.99 13.59
C ALA A 116 0.93 -4.78 12.53
N PRO A 117 1.16 -6.07 12.79
CA PRO A 117 1.85 -6.90 11.81
C PRO A 117 1.11 -6.90 10.48
N ILE A 118 1.84 -6.79 9.39
CA ILE A 118 1.24 -6.67 8.06
C ILE A 118 0.40 -7.89 7.70
N TYR A 119 0.83 -9.07 8.12
CA TYR A 119 0.07 -10.28 7.80
C TYR A 119 -1.27 -10.31 8.54
N GLU A 120 -1.32 -9.73 9.73
CA GLU A 120 -2.58 -9.62 10.47
C GLU A 120 -3.53 -8.61 9.84
N LEU A 121 -3.02 -7.79 8.93
CA LEU A 121 -3.86 -6.86 8.20
C LEU A 121 -4.44 -7.55 6.97
N THR A 122 -3.56 -8.15 6.16
CA THR A 122 -3.98 -8.77 4.91
C THR A 122 -4.88 -9.97 5.14
N SER A 123 -4.62 -10.74 6.19
CA SER A 123 -5.32 -12.00 6.40
C SER A 123 -6.78 -11.80 6.79
N GLN A 124 -7.18 -10.57 7.10
CA GLN A 124 -8.58 -10.32 7.43
C GLN A 124 -9.49 -10.45 6.20
N PHE A 125 -8.89 -10.50 5.02
CA PHE A 125 -9.67 -10.51 3.78
C PHE A 125 -9.43 -11.76 2.96
N THR A 126 -8.98 -12.82 3.63
CA THR A 126 -8.91 -14.13 2.99
C THR A 126 -10.29 -14.55 2.50
N GLY A 127 -10.33 -15.51 1.58
CA GLY A 127 -11.59 -15.99 1.04
C GLY A 127 -12.57 -16.50 2.08
N LEU A 128 -12.06 -17.11 3.14
CA LEU A 128 -12.93 -17.63 4.19
C LEU A 128 -13.51 -16.50 5.04
N LYS A 129 -12.67 -15.52 5.37
CA LYS A 129 -13.09 -14.43 6.24
C LYS A 129 -13.91 -13.38 5.49
N CYS A 130 -13.71 -13.28 4.18
CA CYS A 130 -14.49 -12.38 3.35
C CYS A 130 -14.95 -13.04 2.06
N PRO A 131 -15.93 -13.95 2.15
CA PRO A 131 -16.42 -14.76 1.03
C PRO A 131 -16.91 -13.97 -0.19
N SER A 132 -17.42 -12.76 0.01
CA SER A 132 -17.89 -11.95 -1.11
C SER A 132 -16.73 -11.40 -1.94
N LEU A 133 -15.50 -11.58 -1.45
CA LEU A 133 -14.30 -11.24 -2.20
C LEU A 133 -13.55 -12.46 -2.72
N ALA A 134 -14.09 -13.65 -2.46
CA ALA A 134 -13.48 -14.89 -2.94
C ALA A 134 -13.38 -14.87 -4.46
N GLY A 135 -12.24 -15.30 -4.99
CA GLY A 135 -12.02 -15.28 -6.43
C GLY A 135 -11.69 -13.89 -6.96
N LYS A 136 -11.67 -12.90 -6.08
CA LYS A 136 -11.47 -11.51 -6.50
C LYS A 136 -10.15 -10.94 -5.97
N PRO A 137 -9.45 -10.15 -6.81
CA PRO A 137 -8.18 -9.54 -6.43
C PRO A 137 -8.30 -8.64 -5.21
N LYS A 138 -7.44 -8.87 -4.24
CA LYS A 138 -7.31 -8.01 -3.08
C LYS A 138 -5.91 -7.40 -3.07
N VAL A 139 -5.85 -6.09 -3.18
CA VAL A 139 -4.58 -5.38 -3.37
C VAL A 139 -4.23 -4.48 -2.18
N PHE A 140 -3.06 -4.71 -1.58
CA PHE A 140 -2.60 -3.88 -0.49
C PHE A 140 -1.36 -3.11 -0.88
N PHE A 141 -1.38 -1.80 -0.61
CA PHE A 141 -0.21 -0.96 -0.81
C PHE A 141 0.25 -0.43 0.55
N ILE A 142 1.48 -0.78 0.92
CA ILE A 142 2.03 -0.37 2.20
C ILE A 142 3.15 0.66 2.02
N GLN A 143 2.89 1.90 2.41
CA GLN A 143 3.93 2.93 2.44
C GLN A 143 4.42 3.13 3.87
N ALA A 144 5.59 2.58 4.17
CA ALA A 144 6.19 2.64 5.50
C ALA A 144 7.61 2.10 5.44
N CYS A 145 8.41 2.42 6.47
CA CYS A 145 9.71 1.76 6.65
C CYS A 145 9.48 0.32 7.06
N GLN A 146 10.45 -0.53 6.77
CA GLN A 146 10.44 -1.91 7.24
C GLN A 146 11.70 -2.17 8.03
N GLY A 147 12.20 -1.11 8.66
CA GLY A 147 13.47 -1.15 9.39
C GLY A 147 14.10 0.23 9.36
N ASP A 148 15.31 0.35 9.92
CA ASP A 148 15.95 1.64 10.03
C ASP A 148 17.26 1.71 9.25
N ASN A 149 17.51 0.70 8.43
CA ASN A 149 18.73 0.67 7.64
C ASN A 149 18.56 1.41 6.32
N TYR A 150 19.60 2.12 5.90
CA TYR A 150 19.61 2.70 4.58
C TYR A 150 19.98 1.64 3.56
N GLN A 151 19.13 1.47 2.56
CA GLN A 151 19.44 0.59 1.44
C GLN A 151 20.59 1.19 0.65
N LYS A 152 21.67 0.42 0.50
CA LYS A 152 22.85 0.90 -0.20
C LYS A 152 22.64 0.86 -1.71
N GLY A 153 23.49 1.59 -2.43
CA GLY A 153 23.44 1.59 -3.88
C GLY A 153 24.57 0.79 -4.50
N ILE A 154 24.38 0.40 -5.76
CA ILE A 154 25.42 -0.28 -6.51
C ILE A 154 25.52 0.37 -7.89
N PRO A 155 26.75 0.52 -8.41
CA PRO A 155 26.98 1.11 -9.73
C PRO A 155 26.63 0.16 -10.88
N VAL A 156 25.92 0.67 -11.89
CA VAL A 156 25.65 -0.10 -13.10
C VAL A 156 25.84 0.79 -14.33
N GLU A 157 26.06 0.16 -15.48
CA GLU A 157 26.18 0.90 -16.72
C GLU A 157 24.80 1.31 -17.23
N THR A 158 24.68 2.56 -17.66
CA THR A 158 23.40 3.12 -18.08
C THR A 158 22.85 2.43 -19.33
N THR A 175 -18.44 -27.76 -6.92
CA THR A 175 -17.86 -26.57 -7.52
C THR A 175 -16.34 -26.61 -7.48
N ARG A 176 -15.70 -25.52 -7.88
CA ARG A 176 -14.24 -25.45 -7.89
C ARG A 176 -13.70 -24.77 -6.63
N TYR A 177 -12.64 -25.32 -6.07
CA TYR A 177 -12.01 -24.76 -4.88
C TYR A 177 -10.61 -24.23 -5.16
N ILE A 178 -10.34 -23.03 -4.67
CA ILE A 178 -9.02 -22.40 -4.74
C ILE A 178 -8.52 -22.10 -3.31
N PRO A 179 -7.21 -21.79 -3.16
CA PRO A 179 -6.67 -21.49 -1.82
C PRO A 179 -7.27 -20.27 -1.15
N ASP A 180 -7.36 -20.34 0.18
CA ASP A 180 -7.90 -19.28 1.00
C ASP A 180 -7.16 -17.95 0.81
N GLU A 181 -5.85 -18.02 0.60
CA GLU A 181 -5.04 -16.82 0.45
C GLU A 181 -4.72 -16.54 -1.01
N ALA A 182 -5.61 -16.96 -1.91
CA ALA A 182 -5.47 -16.64 -3.34
C ALA A 182 -5.78 -15.18 -3.66
N ASP A 183 -5.27 -14.73 -4.80
CA ASP A 183 -5.69 -13.48 -5.43
C ASP A 183 -5.26 -12.25 -4.64
N PHE A 184 -4.19 -12.37 -3.86
CA PHE A 184 -3.62 -11.23 -3.14
C PHE A 184 -2.48 -10.58 -3.93
N LEU A 185 -2.36 -9.28 -3.75
CA LEU A 185 -1.21 -8.52 -4.27
C LEU A 185 -0.73 -7.56 -3.19
N LEU A 186 0.50 -7.75 -2.74
CA LEU A 186 1.03 -6.90 -1.69
C LEU A 186 2.17 -6.03 -2.24
N GLY A 187 1.95 -4.72 -2.27
CA GLY A 187 2.96 -3.81 -2.76
C GLY A 187 3.64 -3.08 -1.62
N MET A 188 4.85 -3.54 -1.29
CA MET A 188 5.66 -2.92 -0.25
C MET A 188 6.51 -1.81 -0.85
N ALA A 189 6.58 -0.68 -0.14
CA ALA A 189 7.41 0.45 -0.56
C ALA A 189 8.89 0.14 -0.49
N THR A 190 9.25 -0.83 0.35
CA THR A 190 10.65 -1.19 0.51
C THR A 190 10.82 -2.66 0.90
N VAL A 191 12.00 -3.20 0.61
CA VAL A 191 12.38 -4.51 1.11
C VAL A 191 12.48 -4.44 2.63
N ASN A 192 12.50 -5.60 3.27
CA ASN A 192 12.58 -5.64 4.72
C ASN A 192 13.89 -5.04 5.22
N ASN A 193 13.88 -4.62 6.49
CA ASN A 193 15.04 -4.05 7.20
C ASN A 193 15.38 -2.60 6.82
N CYS A 194 14.79 -2.10 5.74
CA CYS A 194 15.22 -0.80 5.24
C CYS A 194 14.13 0.28 5.25
N VAL A 195 14.58 1.53 5.20
CA VAL A 195 13.69 2.68 5.21
C VAL A 195 13.01 2.88 3.86
N SER A 196 11.91 3.62 3.89
CA SER A 196 11.33 4.18 2.67
C SER A 196 11.23 5.70 2.86
N TYR A 197 11.22 6.45 1.76
CA TYR A 197 11.37 7.90 1.86
C TYR A 197 10.08 8.69 1.67
N ARG A 198 9.99 9.82 2.36
CA ARG A 198 8.89 10.75 2.19
C ARG A 198 9.42 12.19 2.01
N ASN A 199 9.13 12.76 0.86
CA ASN A 199 9.35 14.18 0.61
C ASN A 199 8.12 14.96 1.05
N PRO A 200 8.23 15.73 2.15
CA PRO A 200 7.10 16.51 2.68
C PRO A 200 6.50 17.49 1.68
N ALA A 201 7.24 17.83 0.61
CA ALA A 201 6.74 18.77 -0.38
C ALA A 201 6.28 18.07 -1.67
N GLU A 202 6.40 16.75 -1.71
CA GLU A 202 6.02 16.01 -2.90
C GLU A 202 5.22 14.75 -2.60
N GLY A 203 5.49 14.15 -1.44
CA GLY A 203 4.90 12.87 -1.09
C GLY A 203 6.01 11.83 -1.02
N THR A 204 5.63 10.57 -0.95
CA THR A 204 6.62 9.50 -0.84
C THR A 204 7.06 9.04 -2.22
N TRP A 205 8.31 8.55 -2.29
CA TRP A 205 8.86 8.01 -3.51
C TRP A 205 7.96 6.93 -4.09
N TYR A 206 7.54 5.99 -3.25
CA TYR A 206 6.77 4.83 -3.71
C TYR A 206 5.39 5.22 -4.23
N ILE A 207 4.59 5.85 -3.38
CA ILE A 207 3.21 6.18 -3.74
C ILE A 207 3.12 7.11 -4.96
N GLN A 208 3.90 8.19 -4.96
CA GLN A 208 3.88 9.12 -6.08
C GLN A 208 4.25 8.41 -7.40
N SER A 209 5.29 7.60 -7.35
CA SER A 209 5.69 6.80 -8.50
C SER A 209 4.60 5.81 -8.92
N LEU A 210 4.00 5.13 -7.94
CA LEU A 210 2.94 4.16 -8.19
C LEU A 210 1.75 4.82 -8.90
N CYS A 211 1.32 5.96 -8.39
CA CYS A 211 0.14 6.64 -8.96
C CYS A 211 0.42 7.17 -10.35
N GLN A 212 1.64 7.67 -10.58
CA GLN A 212 2.03 8.15 -11.90
C GLN A 212 2.00 7.00 -12.91
N SER A 213 2.59 5.87 -12.55
CA SER A 213 2.63 4.72 -13.45
C SER A 213 1.22 4.21 -13.72
N LEU A 214 0.41 4.11 -12.67
CA LEU A 214 -0.97 3.65 -12.82
C LEU A 214 -1.73 4.51 -13.82
N ARG A 215 -1.67 5.83 -13.65
CA ARG A 215 -2.46 6.73 -14.49
C ARG A 215 -1.96 6.76 -15.93
N GLU A 216 -0.68 6.43 -16.11
CA GLU A 216 -0.08 6.40 -17.44
C GLU A 216 -0.32 5.09 -18.17
N ARG A 217 -0.29 3.97 -17.44
CA ARG A 217 -0.26 2.67 -18.09
C ARG A 217 -1.57 1.88 -18.05
N CYS A 218 -2.42 2.15 -17.05
CA CYS A 218 -3.72 1.48 -16.98
C CYS A 218 -4.63 1.76 -18.20
N PRO A 219 -4.65 3.01 -18.72
CA PRO A 219 -5.44 3.21 -19.94
C PRO A 219 -4.87 2.47 -21.14
N ARG A 220 -3.58 2.12 -21.07
CA ARG A 220 -2.90 1.36 -22.11
C ARG A 220 -3.30 -0.11 -22.06
N GLY A 221 -3.77 -0.55 -20.89
CA GLY A 221 -4.19 -1.93 -20.71
C GLY A 221 -3.14 -2.80 -20.06
N ASP A 222 -2.07 -2.18 -19.57
CA ASP A 222 -1.01 -2.91 -18.89
C ASP A 222 -1.49 -3.49 -17.57
N ASP A 223 -0.95 -4.64 -17.20
CA ASP A 223 -1.33 -5.28 -15.96
C ASP A 223 -0.52 -4.73 -14.79
N ILE A 224 -0.96 -5.04 -13.58
CA ILE A 224 -0.39 -4.43 -12.38
C ILE A 224 1.06 -4.89 -12.11
N LEU A 225 1.39 -6.12 -12.50
CA LEU A 225 2.76 -6.61 -12.30
C LEU A 225 3.75 -5.85 -13.18
N THR A 226 3.32 -5.54 -14.40
CA THR A 226 4.14 -4.75 -15.30
C THR A 226 4.35 -3.34 -14.74
N ILE A 227 3.25 -2.75 -14.27
CA ILE A 227 3.28 -1.42 -13.68
C ILE A 227 4.14 -1.40 -12.41
N LEU A 228 4.02 -2.41 -11.57
CA LEU A 228 4.82 -2.46 -10.35
C LEU A 228 6.30 -2.71 -10.68
N THR A 229 6.55 -3.37 -11.80
CA THR A 229 7.92 -3.51 -12.29
C THR A 229 8.48 -2.14 -12.68
N GLU A 230 7.66 -1.35 -13.38
CA GLU A 230 8.09 0.01 -13.76
C GLU A 230 8.33 0.86 -12.52
N VAL A 231 7.46 0.70 -11.52
CA VAL A 231 7.63 1.39 -10.25
C VAL A 231 8.97 1.01 -9.62
N ASN A 232 9.28 -0.28 -9.61
CA ASN A 232 10.58 -0.73 -9.11
C ASN A 232 11.70 -0.01 -9.84
N TYR A 233 11.61 0.07 -11.15
CA TYR A 233 12.61 0.73 -11.98
C TYR A 233 12.75 2.22 -11.61
N GLU A 234 11.61 2.90 -11.43
CA GLU A 234 11.60 4.34 -11.19
C GLU A 234 12.18 4.68 -9.83
N VAL A 235 11.68 4.03 -8.78
CA VAL A 235 12.13 4.29 -7.43
C VAL A 235 13.61 3.91 -7.28
N SER A 236 14.04 2.89 -8.02
CA SER A 236 15.44 2.46 -8.00
C SER A 236 16.40 3.52 -8.53
N ASN A 237 15.89 4.47 -9.30
CA ASN A 237 16.75 5.51 -9.86
C ASN A 237 16.82 6.76 -8.97
N LYS A 238 16.04 6.76 -7.90
CA LYS A 238 16.02 7.89 -6.99
C LYS A 238 17.10 7.76 -5.93
N ASP A 239 17.67 8.89 -5.54
CA ASP A 239 18.78 8.94 -4.59
C ASP A 239 18.44 9.77 -3.36
N ASP A 240 18.91 9.32 -2.21
CA ASP A 240 18.97 10.16 -1.02
C ASP A 240 20.40 10.65 -0.87
N LYS A 241 20.66 11.86 -1.35
CA LYS A 241 22.03 12.39 -1.38
C LYS A 241 22.58 12.72 -0.01
N LYS A 242 21.72 12.83 1.00
CA LYS A 242 22.17 13.17 2.34
C LYS A 242 22.87 11.98 3.00
N ASN A 243 22.39 10.79 2.72
CA ASN A 243 22.92 9.58 3.35
C ASN A 243 23.39 8.54 2.33
N MET A 244 23.42 8.94 1.06
CA MET A 244 23.73 8.03 -0.05
C MET A 244 22.84 6.80 0.01
N GLY A 245 21.55 7.02 0.20
CA GLY A 245 20.59 5.94 0.32
C GLY A 245 19.75 5.71 -0.91
N LYS A 246 19.29 4.48 -1.06
CA LYS A 246 18.39 4.12 -2.14
C LYS A 246 17.11 3.54 -1.51
N GLN A 247 16.16 3.18 -2.35
CA GLN A 247 14.95 2.52 -1.87
C GLN A 247 14.55 1.48 -2.90
N MET A 248 14.20 0.29 -2.40
CA MET A 248 13.83 -0.81 -3.26
C MET A 248 12.47 -1.38 -2.88
N PRO A 249 11.42 -1.00 -3.61
CA PRO A 249 10.06 -1.54 -3.40
C PRO A 249 10.02 -3.04 -3.70
N GLN A 250 9.02 -3.72 -3.17
CA GLN A 250 8.99 -5.17 -3.21
C GLN A 250 7.56 -5.71 -3.24
N PRO A 251 7.04 -5.99 -4.44
CA PRO A 251 5.72 -6.61 -4.54
C PRO A 251 5.73 -8.11 -4.24
N THR A 252 4.67 -8.59 -3.61
CA THR A 252 4.44 -10.01 -3.41
C THR A 252 3.03 -10.32 -3.87
N PHE A 253 2.81 -11.48 -4.49
CA PHE A 253 1.47 -11.78 -4.97
C PHE A 253 1.09 -13.26 -4.99
N THR A 254 -0.20 -13.52 -4.84
CA THR A 254 -0.76 -14.85 -5.04
C THR A 254 -1.82 -14.79 -6.15
N LEU A 255 -1.70 -13.78 -7.00
CA LEU A 255 -2.60 -13.60 -8.13
C LEU A 255 -2.53 -14.79 -9.06
N ARG A 256 -3.69 -15.22 -9.55
CA ARG A 256 -3.79 -16.37 -10.45
C ARG A 256 -4.14 -15.91 -11.86
N LYS A 257 -4.47 -14.63 -11.99
CA LYS A 257 -4.82 -14.06 -13.28
C LYS A 257 -4.15 -12.70 -13.45
N LYS A 258 -4.11 -12.21 -14.68
CA LYS A 258 -3.62 -10.87 -14.95
C LYS A 258 -4.58 -9.87 -14.33
N LEU A 259 -4.03 -8.86 -13.67
CA LEU A 259 -4.85 -7.82 -13.06
C LEU A 259 -4.71 -6.52 -13.84
N VAL A 260 -5.81 -6.08 -14.45
CA VAL A 260 -5.82 -4.81 -15.18
C VAL A 260 -6.94 -3.93 -14.64
N PHE A 261 -6.73 -2.62 -14.72
CA PHE A 261 -7.74 -1.66 -14.31
C PHE A 261 -8.19 -0.81 -15.51
N PRO A 262 -9.23 -1.25 -16.22
CA PRO A 262 -9.75 -0.50 -17.36
C PRO A 262 -10.33 0.84 -16.92
N SER A 263 -10.36 1.82 -17.81
CA SER A 263 -10.79 3.17 -17.45
C SER A 263 -11.78 3.74 -18.45
C ACE B 1 13.75 16.60 3.38
O ACE B 1 12.71 16.43 4.02
CH3 ACE B 1 14.43 17.94 3.32
N LEU B 2 14.47 15.57 2.94
CA LEU B 2 13.94 14.21 2.85
C LEU B 2 13.72 13.57 4.23
N GLU B 3 12.57 12.92 4.41
CA GLU B 3 12.28 12.22 5.66
C GLU B 3 11.97 10.76 5.41
N THR B 4 12.06 9.95 6.46
CA THR B 4 11.79 8.52 6.33
C THR B 4 10.56 8.12 7.13
N 1U8 B 5 9.93 7.01 6.75
CA 1U8 B 5 8.76 6.50 7.46
C 1U8 B 5 9.13 5.33 8.33
O 1U8 B 5 8.29 4.50 8.58
CB 1U8 B 5 7.71 6.07 6.45
CG 1U8 B 5 6.92 7.27 5.97
OD1 1U8 B 5 6.34 7.22 4.86
OD2 1U8 B 5 6.91 8.28 6.72
C9 1U8 B 5 10.53 5.20 8.86
S1 DTD C . 0.22 -12.83 -0.62
C1 DTD C . -1.12 -13.47 0.43
C2 DTD C . -0.71 -13.76 1.88
O2 DTD C . -1.83 -14.20 2.60
C3 DTD C . -0.16 -12.48 2.62
O3 DTD C . 0.16 -12.90 3.91
C4 DTD C . 1.12 -11.91 1.99
S4 DTD C . 0.82 -11.19 0.37
S1 DTD D . -3.00 14.15 6.48
C1 DTD D . -4.76 14.31 6.95
C2 DTD D . -4.97 14.79 8.40
O2 DTD D . -6.35 14.83 8.67
C3 DTD D . -4.44 16.24 8.60
O3 DTD D . -4.85 16.62 9.88
C4 DTD D . -2.90 16.34 8.53
S4 DTD D . -2.24 16.01 6.88
#